data_3TQO
#
_entry.id   3TQO
#
_cell.length_a   97.632
_cell.length_b   97.632
_cell.length_c   108.138
_cell.angle_alpha   90.000
_cell.angle_beta   90.000
_cell.angle_gamma   90.000
#
_symmetry.space_group_name_H-M   'P 41 21 2'
#
loop_
_entity.id
_entity.type
_entity.pdbx_description
1 polymer 'Cysteinyl-tRNA synthetase'
2 non-polymer 'ZINC ION'
3 water water
#
_entity_poly.entity_id   1
_entity_poly.type   'polypeptide(L)'
_entity_poly.pdbx_seq_one_letter_code
;NA(MSE)SVKIFNSLTKQKEIFKPIESGKVKLYVCG(MSE)TVYDY(MSE)HIGHGRSWIIFD(MSE)VVRYLR(MSE)R
GYEVTFVRNITDIDDKIIKRAGENKESPAALAERFIQILHEDEKALRVLSPDQEPRATQYVPEIIKLIQKLLDNQYAYTG
QNGDVFFDVRRFKDYGKLSHRHLDELQAGARVEVSDSKRDPLDFVLWKKAKPGEPKWDSPWGEGRPGWHIECSA(MSE)S
SSILGQPFDIHGGGLDLKFPHHENEIAQSEAGEEKPFVKLW(MSE)HAGLLEINKEK(MSE)SKSLGNIISIREALKESD
VEVLRYFLLSGHYRNPLSYSKENLENGRLALERFYLALRGLPVVNHEKTSSYTDRFYEA(MSE)DDDFNTPIAFALLFE
(MSE)VREINRFRDNNQIEKAAVLAAELKCLGNIFGLLQYSPEQFLQGAKKEADVQEIKKLIDQRNEARAKKDWKTADQI
RDQLTDLGVAIEDSSDGTSWRQE
;
_entity_poly.pdbx_strand_id   A
#
loop_
_chem_comp.id
_chem_comp.type
_chem_comp.name
_chem_comp.formula
ZN non-polymer 'ZINC ION' 'Zn 2'
#
# COMPACT_ATOMS: atom_id res chain seq x y z
N ASN A 1 -9.98 -23.02 19.92
CA ASN A 1 -8.92 -22.04 19.73
C ASN A 1 -8.77 -21.64 18.26
N ALA A 2 -9.10 -20.39 17.95
CA ALA A 2 -9.16 -19.91 16.59
C ALA A 2 -7.79 -19.89 15.89
N MSE A 3 -7.82 -20.21 14.60
CA MSE A 3 -6.60 -20.29 13.80
C MSE A 3 -5.93 -18.93 13.63
O MSE A 3 -6.60 -17.93 13.37
CB MSE A 3 -6.93 -20.88 12.43
CG MSE A 3 -5.94 -21.94 11.95
SE MSE A 3 -5.91 -23.51 13.11
CE MSE A 3 -7.70 -24.19 12.74
N SER A 4 -4.61 -18.90 13.77
CA SER A 4 -3.86 -17.66 13.62
C SER A 4 -3.68 -17.28 12.16
N VAL A 5 -3.44 -16.00 11.91
CA VAL A 5 -3.05 -15.52 10.60
C VAL A 5 -1.54 -15.56 10.49
N LYS A 6 -1.03 -16.04 9.36
CA LYS A 6 0.40 -16.03 9.11
C LYS A 6 0.70 -15.11 7.93
N ILE A 7 1.67 -14.22 8.11
CA ILE A 7 2.00 -13.25 7.08
C ILE A 7 3.49 -13.26 6.77
N PHE A 8 3.82 -13.14 5.49
CA PHE A 8 5.22 -13.02 5.09
C PHE A 8 5.80 -11.70 5.61
N ASN A 9 6.94 -11.80 6.30
CA ASN A 9 7.63 -10.63 6.79
C ASN A 9 8.87 -10.39 5.95
N SER A 10 8.91 -9.28 5.23
CA SER A 10 10.06 -8.95 4.40
C SER A 10 11.36 -8.93 5.20
N LEU A 11 11.28 -8.52 6.46
CA LEU A 11 12.45 -8.48 7.33
C LEU A 11 13.12 -9.84 7.45
N THR A 12 12.32 -10.90 7.57
CA THR A 12 12.84 -12.23 7.84
C THR A 12 12.80 -13.16 6.65
N LYS A 13 12.12 -12.73 5.58
CA LYS A 13 11.97 -13.54 4.38
C LYS A 13 11.12 -14.79 4.65
N GLN A 14 10.25 -14.72 5.64
CA GLN A 14 9.45 -15.89 6.01
C GLN A 14 8.04 -15.54 6.46
N LYS A 15 7.15 -16.53 6.36
CA LYS A 15 5.81 -16.40 6.93
C LYS A 15 5.90 -16.58 8.44
N GLU A 16 5.31 -15.64 9.17
CA GLU A 16 5.36 -15.69 10.62
C GLU A 16 3.94 -15.61 11.17
N ILE A 17 3.70 -16.26 12.29
CA ILE A 17 2.44 -16.10 12.99
C ILE A 17 2.28 -14.63 13.37
N PHE A 18 1.19 -14.02 12.91
CA PHE A 18 0.93 -12.62 13.19
C PHE A 18 0.52 -12.42 14.64
N LYS A 19 1.28 -11.60 15.37
CA LYS A 19 1.04 -11.38 16.79
C LYS A 19 1.00 -9.88 17.10
N PRO A 20 -0.20 -9.32 17.17
CA PRO A 20 -0.37 -7.90 17.49
C PRO A 20 0.34 -7.49 18.78
N ILE A 21 0.94 -6.31 18.78
CA ILE A 21 1.64 -5.80 19.95
C ILE A 21 0.69 -5.62 21.13
N GLU A 22 -0.48 -5.04 20.88
CA GLU A 22 -1.56 -5.00 21.84
C GLU A 22 -2.65 -5.94 21.34
N SER A 23 -3.14 -6.81 22.23
CA SER A 23 -4.07 -7.87 21.84
C SER A 23 -5.31 -7.32 21.12
N GLY A 24 -5.60 -7.90 19.96
CA GLY A 24 -6.80 -7.57 19.22
C GLY A 24 -6.74 -6.26 18.45
N LYS A 25 -5.59 -5.61 18.47
CA LYS A 25 -5.43 -4.34 17.77
C LYS A 25 -4.30 -4.41 16.75
N VAL A 26 -4.49 -3.74 15.62
CA VAL A 26 -3.46 -3.67 14.59
C VAL A 26 -3.21 -2.23 14.18
N LYS A 27 -1.97 -1.78 14.33
CA LYS A 27 -1.57 -0.47 13.86
C LYS A 27 -0.85 -0.64 12.53
N LEU A 28 -1.38 -0.01 11.49
CA LEU A 28 -0.87 -0.21 10.14
C LEU A 28 -0.55 1.12 9.44
N TYR A 29 0.68 1.24 8.97
CA TYR A 29 1.08 2.38 8.16
C TYR A 29 1.42 1.89 6.75
N VAL A 30 0.86 2.56 5.74
CA VAL A 30 1.19 2.23 4.36
C VAL A 30 1.64 3.50 3.64
N CYS A 31 2.76 3.41 2.92
CA CYS A 31 3.24 4.56 2.15
C CYS A 31 2.25 4.92 1.05
N GLY A 32 1.97 6.22 0.92
CA GLY A 32 0.98 6.69 -0.04
C GLY A 32 1.54 7.40 -1.25
N MSE A 33 0.72 8.29 -1.80
CA MSE A 33 1.00 8.95 -3.08
C MSE A 33 1.85 10.21 -2.97
O MSE A 33 1.71 11.00 -2.03
CB MSE A 33 -0.33 9.30 -3.75
CG MSE A 33 -0.19 9.77 -5.19
SE MSE A 33 0.14 8.41 -6.32
CE MSE A 33 0.59 9.33 -7.81
N THR A 34 2.75 10.40 -3.93
CA THR A 34 3.40 11.69 -4.15
C THR A 34 2.55 12.46 -5.13
N VAL A 35 1.90 13.53 -4.66
CA VAL A 35 0.83 14.16 -5.42
C VAL A 35 1.26 15.21 -6.44
N TYR A 36 1.92 14.75 -7.51
CA TYR A 36 2.31 15.65 -8.60
C TYR A 36 1.70 15.18 -9.91
N ASP A 37 1.01 14.04 -9.87
CA ASP A 37 0.44 13.45 -11.08
C ASP A 37 -0.64 12.42 -10.72
N TYR A 38 -1.27 11.85 -11.74
CA TYR A 38 -2.29 10.83 -11.54
C TYR A 38 -1.66 9.54 -11.05
N MSE A 39 -2.33 8.84 -10.15
CA MSE A 39 -1.86 7.53 -9.73
C MSE A 39 -1.96 6.56 -10.90
O MSE A 39 -2.90 6.60 -11.69
CB MSE A 39 -2.67 7.01 -8.52
CG MSE A 39 -4.12 6.69 -8.81
SE MSE A 39 -5.04 6.07 -7.36
CE MSE A 39 -4.18 4.54 -7.02
N HIS A 40 -0.95 5.69 -11.04
CA HIS A 40 -0.94 4.73 -12.12
C HIS A 40 -1.31 3.34 -11.61
N ILE A 41 -1.44 2.39 -12.52
CA ILE A 41 -1.91 1.05 -12.17
C ILE A 41 -0.97 0.34 -11.20
N GLY A 42 0.31 0.72 -11.22
CA GLY A 42 1.26 0.20 -10.24
C GLY A 42 0.82 0.55 -8.83
N HIS A 43 0.55 1.83 -8.59
CA HIS A 43 -0.02 2.26 -7.32
C HIS A 43 -1.36 1.58 -7.11
N GLY A 44 -2.16 1.52 -8.16
CA GLY A 44 -3.46 0.88 -8.11
C GLY A 44 -3.39 -0.48 -7.46
N ARG A 45 -2.41 -1.28 -7.86
CA ARG A 45 -2.25 -2.61 -7.29
C ARG A 45 -1.94 -2.57 -5.79
N SER A 46 -1.03 -1.68 -5.38
CA SER A 46 -0.67 -1.57 -3.97
C SER A 46 -1.87 -1.14 -3.14
N TRP A 47 -2.62 -0.16 -3.64
CA TRP A 47 -3.83 0.32 -2.99
C TRP A 47 -4.86 -0.79 -2.79
N ILE A 48 -5.07 -1.60 -3.83
CA ILE A 48 -6.04 -2.68 -3.78
C ILE A 48 -5.59 -3.81 -2.86
N ILE A 49 -4.31 -4.16 -2.95
CA ILE A 49 -3.74 -5.19 -2.09
C ILE A 49 -3.93 -4.87 -0.61
N PHE A 50 -3.58 -3.65 -0.21
CA PHE A 50 -3.68 -3.28 1.20
C PHE A 50 -5.11 -2.99 1.62
N ASP A 51 -5.98 -2.74 0.64
CA ASP A 51 -7.41 -2.65 0.91
C ASP A 51 -7.94 -4.02 1.33
N MSE A 52 -7.50 -5.05 0.60
CA MSE A 52 -7.83 -6.43 0.93
C MSE A 52 -7.29 -6.82 2.31
O MSE A 52 -7.97 -7.50 3.09
CB MSE A 52 -7.28 -7.39 -0.13
CG MSE A 52 -7.13 -8.84 0.33
SE MSE A 52 -6.44 -9.96 -0.91
CE MSE A 52 -4.93 -10.46 -0.11
N VAL A 53 -6.08 -6.38 2.61
CA VAL A 53 -5.46 -6.69 3.90
C VAL A 53 -6.29 -6.12 5.05
N VAL A 54 -6.64 -4.84 4.95
CA VAL A 54 -7.44 -4.19 5.99
C VAL A 54 -8.84 -4.82 6.10
N ARG A 55 -9.50 -5.01 4.96
CA ARG A 55 -10.83 -5.61 4.96
C ARG A 55 -10.80 -6.98 5.62
N TYR A 56 -9.79 -7.78 5.29
CA TYR A 56 -9.71 -9.12 5.85
C TYR A 56 -9.41 -9.11 7.35
N LEU A 57 -8.52 -8.22 7.76
CA LEU A 57 -8.16 -8.12 9.18
C LEU A 57 -9.37 -7.69 10.00
N ARG A 58 -10.13 -6.74 9.48
CA ARG A 58 -11.37 -6.34 10.15
C ARG A 58 -12.38 -7.47 10.15
N MSE A 59 -12.45 -8.23 9.04
CA MSE A 59 -13.32 -9.41 8.97
C MSE A 59 -13.02 -10.36 10.12
O MSE A 59 -13.92 -10.88 10.76
CB MSE A 59 -13.19 -10.13 7.61
CG MSE A 59 -13.79 -11.55 7.60
SE MSE A 59 -13.88 -12.38 5.99
CE MSE A 59 -15.39 -11.68 5.36
N ARG A 60 -11.73 -10.59 10.39
CA ARG A 60 -11.34 -11.52 11.45
C ARG A 60 -11.54 -10.92 12.84
N GLY A 61 -12.03 -9.69 12.90
CA GLY A 61 -12.38 -9.07 14.17
C GLY A 61 -11.36 -8.11 14.74
N TYR A 62 -10.20 -8.00 14.09
CA TYR A 62 -9.17 -7.06 14.54
C TYR A 62 -9.67 -5.62 14.49
N GLU A 63 -9.29 -4.84 15.48
CA GLU A 63 -9.50 -3.40 15.41
C GLU A 63 -8.31 -2.79 14.70
N VAL A 64 -8.50 -2.36 13.46
CA VAL A 64 -7.39 -1.90 12.64
C VAL A 64 -7.31 -0.38 12.57
N THR A 65 -6.17 0.16 12.97
CA THR A 65 -5.89 1.57 12.77
C THR A 65 -5.06 1.70 11.50
N PHE A 66 -5.69 2.25 10.47
CA PHE A 66 -5.11 2.27 9.12
C PHE A 66 -4.66 3.68 8.75
N VAL A 67 -3.35 3.86 8.62
CA VAL A 67 -2.79 5.15 8.26
C VAL A 67 -2.09 5.12 6.90
N ARG A 68 -2.44 6.07 6.04
CA ARG A 68 -1.75 6.25 4.78
C ARG A 68 -1.44 7.73 4.57
N ASN A 69 -0.17 8.03 4.30
CA ASN A 69 0.27 9.41 4.15
C ASN A 69 0.13 9.96 2.74
N ILE A 70 0.11 11.28 2.65
CA ILE A 70 0.22 11.99 1.37
C ILE A 70 1.57 12.70 1.35
N THR A 71 2.41 12.37 0.38
CA THR A 71 3.68 13.07 0.24
C THR A 71 3.48 14.35 -0.56
N ASP A 72 3.29 15.46 0.15
CA ASP A 72 3.09 16.74 -0.52
C ASP A 72 4.28 17.68 -0.34
N ILE A 73 5.40 17.13 0.11
CA ILE A 73 6.68 17.83 0.08
C ILE A 73 7.68 16.97 -0.69
N ASP A 74 7.93 17.33 -1.94
CA ASP A 74 8.83 16.55 -2.79
C ASP A 74 9.34 17.38 -3.95
N ASP A 75 10.52 17.02 -4.46
CA ASP A 75 11.13 17.76 -5.57
C ASP A 75 10.37 17.60 -6.88
N LYS A 76 9.73 16.44 -7.08
CA LYS A 76 8.94 16.21 -8.29
C LYS A 76 7.74 17.16 -8.36
N ILE A 77 7.20 17.50 -7.20
CA ILE A 77 6.10 18.45 -7.13
C ILE A 77 6.60 19.84 -7.53
N ILE A 78 7.76 20.20 -7.01
CA ILE A 78 8.40 21.47 -7.37
C ILE A 78 8.71 21.51 -8.86
N LYS A 79 9.35 20.46 -9.36
CA LYS A 79 9.70 20.35 -10.77
C LYS A 79 8.46 20.45 -11.67
N ARG A 80 7.44 19.65 -11.35
CA ARG A 80 6.22 19.60 -12.14
C ARG A 80 5.46 20.92 -12.10
N ALA A 81 5.39 21.52 -10.93
CA ALA A 81 4.70 22.80 -10.78
C ALA A 81 5.31 23.86 -11.68
N GLY A 82 6.63 23.86 -11.76
CA GLY A 82 7.35 24.81 -12.60
C GLY A 82 7.01 24.66 -14.07
N GLU A 83 6.98 23.42 -14.54
CA GLU A 83 6.62 23.13 -15.92
C GLU A 83 5.25 23.70 -16.25
N ASN A 84 4.28 23.45 -15.37
CA ASN A 84 2.92 23.92 -15.56
C ASN A 84 2.75 25.39 -15.18
N LYS A 85 3.84 26.00 -14.74
CA LYS A 85 3.86 27.43 -14.40
C LYS A 85 3.09 27.78 -13.12
N GLU A 86 2.58 26.78 -12.41
CA GLU A 86 1.80 27.02 -11.21
C GLU A 86 2.64 26.87 -9.94
N SER A 87 2.04 27.20 -8.80
CA SER A 87 2.71 27.05 -7.53
C SER A 87 2.69 25.59 -7.09
N PRO A 88 3.75 25.14 -6.40
CA PRO A 88 3.80 23.76 -5.90
C PRO A 88 2.55 23.46 -5.06
N ALA A 89 2.15 24.44 -4.26
CA ALA A 89 1.02 24.28 -3.35
C ALA A 89 -0.28 24.04 -4.12
N ALA A 90 -0.40 24.67 -5.28
CA ALA A 90 -1.60 24.51 -6.11
C ALA A 90 -1.62 23.15 -6.80
N LEU A 91 -0.44 22.70 -7.24
CA LEU A 91 -0.32 21.41 -7.90
C LEU A 91 -0.66 20.28 -6.92
N ALA A 92 -0.13 20.39 -5.71
CA ALA A 92 -0.37 19.38 -4.68
C ALA A 92 -1.86 19.27 -4.36
N GLU A 93 -2.48 20.39 -4.03
CA GLU A 93 -3.90 20.41 -3.70
C GLU A 93 -4.74 19.81 -4.82
N ARG A 94 -4.43 20.20 -6.05
CA ARG A 94 -5.14 19.71 -7.23
C ARG A 94 -5.12 18.19 -7.30
N PHE A 95 -3.94 17.61 -7.11
CA PHE A 95 -3.77 16.16 -7.26
C PHE A 95 -4.11 15.35 -6.01
N ILE A 96 -4.30 16.02 -4.89
CA ILE A 96 -4.86 15.37 -3.72
C ILE A 96 -6.34 15.12 -3.98
N GLN A 97 -7.00 16.10 -4.58
CA GLN A 97 -8.39 15.96 -4.98
C GLN A 97 -8.53 14.81 -5.98
N ILE A 98 -7.67 14.81 -7.00
CA ILE A 98 -7.67 13.75 -8.00
C ILE A 98 -7.47 12.38 -7.35
N LEU A 99 -6.58 12.33 -6.37
CA LEU A 99 -6.29 11.09 -5.67
C LEU A 99 -7.51 10.55 -4.95
N HIS A 100 -8.26 11.44 -4.30
CA HIS A 100 -9.45 11.04 -3.56
C HIS A 100 -10.55 10.54 -4.49
N GLU A 101 -10.62 11.11 -5.69
CA GLU A 101 -11.59 10.68 -6.68
C GLU A 101 -11.23 9.30 -7.24
N ASP A 102 -9.95 9.06 -7.49
CA ASP A 102 -9.51 7.78 -8.02
C ASP A 102 -9.63 6.68 -6.98
N GLU A 103 -9.40 7.01 -5.72
CA GLU A 103 -9.55 6.05 -4.63
C GLU A 103 -11.01 5.65 -4.47
N LYS A 104 -11.90 6.65 -4.56
CA LYS A 104 -13.33 6.41 -4.50
C LYS A 104 -13.77 5.51 -5.65
N ALA A 105 -13.22 5.79 -6.84
CA ALA A 105 -13.54 5.00 -8.03
C ALA A 105 -13.05 3.57 -7.90
N LEU A 106 -11.96 3.38 -7.17
CA LEU A 106 -11.44 2.03 -6.92
C LEU A 106 -12.19 1.35 -5.77
N ARG A 107 -13.02 2.11 -5.07
CA ARG A 107 -13.80 1.57 -3.96
C ARG A 107 -12.94 1.03 -2.82
N VAL A 108 -11.78 1.65 -2.59
CA VAL A 108 -10.95 1.25 -1.46
C VAL A 108 -11.47 1.90 -0.19
N LEU A 109 -11.11 1.32 0.96
CA LEU A 109 -11.46 1.92 2.25
C LEU A 109 -10.62 3.17 2.45
N SER A 110 -11.25 4.20 3.01
CA SER A 110 -10.52 5.38 3.44
C SER A 110 -9.72 5.07 4.70
N PRO A 111 -8.47 5.52 4.76
CA PRO A 111 -7.68 5.30 5.97
C PRO A 111 -8.29 6.09 7.12
N ASP A 112 -8.05 5.67 8.36
CA ASP A 112 -8.50 6.43 9.51
C ASP A 112 -7.76 7.75 9.64
N GLN A 113 -6.53 7.77 9.13
CA GLN A 113 -5.70 8.95 9.16
C GLN A 113 -4.92 9.11 7.86
N GLU A 114 -4.96 10.32 7.30
CA GLU A 114 -4.25 10.61 6.07
C GLU A 114 -3.32 11.81 6.26
N PRO A 115 -2.21 11.60 6.99
CA PRO A 115 -1.29 12.70 7.30
C PRO A 115 -0.55 13.21 6.07
N ARG A 116 -0.41 14.53 5.97
CA ARG A 116 0.37 15.13 4.90
C ARG A 116 1.68 15.62 5.50
N ALA A 117 2.75 15.52 4.72
CA ALA A 117 4.06 15.97 5.17
C ALA A 117 4.04 17.44 5.57
N THR A 118 3.24 18.25 4.88
CA THR A 118 3.18 19.69 5.15
C THR A 118 2.69 20.02 6.56
N GLN A 119 2.03 19.04 7.21
CA GLN A 119 1.50 19.28 8.54
C GLN A 119 2.30 18.59 9.65
N TYR A 120 3.44 18.00 9.30
CA TYR A 120 4.25 17.29 10.28
C TYR A 120 5.70 17.74 10.31
N VAL A 121 5.94 19.00 9.97
CA VAL A 121 7.30 19.53 9.94
C VAL A 121 7.94 19.63 11.32
N PRO A 122 7.18 20.10 12.33
CA PRO A 122 7.71 20.12 13.69
C PRO A 122 8.15 18.73 14.17
N GLU A 123 7.32 17.72 13.92
CA GLU A 123 7.64 16.35 14.30
C GLU A 123 8.90 15.85 13.60
N ILE A 124 9.05 16.21 12.32
CA ILE A 124 10.25 15.85 11.58
C ILE A 124 11.49 16.53 12.16
N ILE A 125 11.35 17.81 12.51
CA ILE A 125 12.45 18.55 13.09
C ILE A 125 12.89 17.95 14.43
N LYS A 126 11.91 17.51 15.21
CA LYS A 126 12.20 16.87 16.50
C LYS A 126 13.03 15.59 16.33
N LEU A 127 12.67 14.79 15.34
CA LEU A 127 13.36 13.53 15.09
C LEU A 127 14.78 13.78 14.58
N ILE A 128 14.94 14.74 13.68
CA ILE A 128 16.25 15.09 13.16
C ILE A 128 17.16 15.60 14.28
N GLN A 129 16.60 16.39 15.17
CA GLN A 129 17.36 16.91 16.31
C GLN A 129 17.87 15.76 17.18
N LYS A 130 17.04 14.73 17.37
CA LYS A 130 17.45 13.57 18.14
C LYS A 130 18.60 12.83 17.47
N LEU A 131 18.54 12.69 16.15
CA LEU A 131 19.59 12.01 15.40
C LEU A 131 20.91 12.77 15.47
N LEU A 132 20.84 14.09 15.40
CA LEU A 132 22.02 14.93 15.58
C LEU A 132 22.56 14.72 17.00
N ASP A 133 21.66 14.80 17.98
CA ASP A 133 22.05 14.61 19.38
C ASP A 133 22.66 13.24 19.63
N ASN A 134 22.10 12.22 19.00
CA ASN A 134 22.64 10.86 19.11
C ASN A 134 23.90 10.69 18.26
N GLN A 135 24.14 11.66 17.38
CA GLN A 135 25.29 11.62 16.47
C GLN A 135 25.11 10.64 15.31
N TYR A 136 23.87 10.31 14.99
CA TYR A 136 23.61 9.51 13.79
C TYR A 136 23.40 10.42 12.59
N ALA A 137 23.16 11.70 12.86
CA ALA A 137 23.05 12.70 11.80
C ALA A 137 24.18 13.71 11.92
N TYR A 138 24.42 14.45 10.85
CA TYR A 138 25.49 15.43 10.84
C TYR A 138 25.31 16.43 9.71
N THR A 139 25.84 17.63 9.92
CA THR A 139 26.09 18.57 8.85
C THR A 139 27.56 18.31 8.52
N GLY A 140 27.94 18.37 7.25
CA GLY A 140 27.09 18.82 6.16
C GLY A 140 27.80 19.99 5.52
N GLN A 141 28.89 19.70 4.81
CA GLN A 141 29.74 20.74 4.23
C GLN A 141 28.93 21.82 3.51
N ASN A 142 27.90 21.40 2.77
CA ASN A 142 27.09 22.32 2.00
C ASN A 142 25.87 22.81 2.78
N GLY A 143 25.82 22.50 4.07
CA GLY A 143 24.74 22.96 4.93
C GLY A 143 23.65 21.94 5.16
N ASP A 144 23.56 20.94 4.29
CA ASP A 144 22.54 19.91 4.42
C ASP A 144 22.77 19.01 5.63
N VAL A 145 21.70 18.42 6.14
CA VAL A 145 21.80 17.46 7.23
C VAL A 145 21.67 16.04 6.68
N PHE A 146 22.62 15.18 7.04
CA PHE A 146 22.68 13.83 6.48
C PHE A 146 22.59 12.77 7.56
N PHE A 147 22.14 11.58 7.17
CA PHE A 147 22.21 10.42 8.05
C PHE A 147 23.50 9.65 7.79
N ASP A 148 24.18 9.30 8.87
CA ASP A 148 25.44 8.58 8.80
C ASP A 148 25.19 7.08 8.88
N VAL A 149 25.14 6.43 7.72
CA VAL A 149 24.70 5.03 7.64
C VAL A 149 25.71 4.02 8.19
N ARG A 150 26.99 4.36 8.12
CA ARG A 150 28.02 3.44 8.61
C ARG A 150 27.93 3.29 10.13
N ARG A 151 27.36 4.30 10.78
CA ARG A 151 27.11 4.25 12.22
C ARG A 151 26.02 3.24 12.56
N PHE A 152 24.98 3.18 11.74
CA PHE A 152 23.87 2.25 11.96
C PHE A 152 24.27 0.88 11.42
N LYS A 153 24.70 -0.01 12.31
CA LYS A 153 25.23 -1.31 11.87
C LYS A 153 24.19 -2.30 11.36
N ASP A 154 22.92 -2.08 11.68
CA ASP A 154 21.86 -2.93 11.17
C ASP A 154 21.45 -2.55 9.75
N TYR A 155 22.07 -1.50 9.20
CA TYR A 155 21.69 -1.00 7.89
C TYR A 155 21.74 -2.09 6.84
N GLY A 156 20.65 -2.23 6.09
CA GLY A 156 20.58 -3.18 5.00
C GLY A 156 19.94 -4.50 5.37
N LYS A 157 19.43 -4.60 6.60
CA LYS A 157 18.85 -5.86 7.05
C LYS A 157 17.47 -6.14 6.47
N LEU A 158 16.72 -5.07 6.15
CA LEU A 158 15.40 -5.24 5.55
C LEU A 158 15.51 -5.80 4.14
N SER A 159 16.45 -5.30 3.37
CA SER A 159 16.63 -5.73 1.99
C SER A 159 17.64 -6.86 1.88
N HIS A 160 18.26 -7.21 3.00
CA HIS A 160 19.28 -8.26 3.02
C HIS A 160 20.43 -7.97 2.06
N ARG A 161 20.93 -6.74 2.11
CA ARG A 161 22.10 -6.35 1.32
C ARG A 161 23.22 -5.90 2.26
N HIS A 162 24.47 -6.15 1.87
CA HIS A 162 25.58 -6.00 2.79
C HIS A 162 26.41 -4.72 2.66
N LEU A 163 26.69 -4.29 1.43
CA LEU A 163 27.66 -3.22 1.22
C LEU A 163 27.29 -2.33 0.04
N ASP A 164 26.15 -2.59 -0.57
CA ASP A 164 25.81 -2.02 -1.86
C ASP A 164 25.11 -0.67 -1.75
N SER A 177 29.81 16.55 -0.02
CA SER A 177 29.54 16.90 1.36
C SER A 177 29.08 15.70 2.18
N LYS A 178 28.99 14.54 1.54
CA LYS A 178 28.67 13.30 2.24
C LYS A 178 29.96 12.62 2.72
N ARG A 179 29.98 12.23 3.98
CA ARG A 179 31.11 11.48 4.52
C ARG A 179 31.22 10.13 3.82
N ASP A 180 30.07 9.57 3.47
CA ASP A 180 30.01 8.28 2.78
C ASP A 180 28.94 8.34 1.70
N PRO A 181 29.20 7.71 0.55
CA PRO A 181 28.28 7.70 -0.59
C PRO A 181 26.89 7.16 -0.22
N LEU A 182 26.84 6.23 0.74
CA LEU A 182 25.59 5.61 1.15
C LEU A 182 24.71 6.55 1.99
N ASP A 183 25.32 7.60 2.53
CA ASP A 183 24.58 8.55 3.36
C ASP A 183 23.42 9.21 2.60
N PHE A 184 22.35 9.52 3.31
CA PHE A 184 21.21 10.17 2.68
C PHE A 184 20.77 11.44 3.40
N VAL A 185 20.12 12.34 2.66
CA VAL A 185 19.70 13.64 3.16
C VAL A 185 18.48 13.57 4.10
N LEU A 186 18.56 14.28 5.22
CA LEU A 186 17.45 14.37 6.16
C LEU A 186 16.80 15.74 6.06
N TRP A 187 17.62 16.76 5.83
CA TRP A 187 17.12 18.12 5.65
C TRP A 187 17.96 18.81 4.57
N LYS A 188 17.30 19.20 3.49
CA LYS A 188 18.00 19.82 2.37
C LYS A 188 17.63 21.29 2.27
N LYS A 189 18.60 22.12 1.89
CA LYS A 189 18.33 23.55 1.74
C LYS A 189 17.39 23.78 0.57
N ALA A 190 16.57 24.81 0.68
CA ALA A 190 15.68 25.17 -0.41
C ALA A 190 16.42 26.08 -1.38
N LYS A 191 16.20 25.86 -2.67
CA LYS A 191 16.76 26.73 -3.69
C LYS A 191 15.93 28.00 -3.75
N PRO A 192 16.54 29.10 -4.22
CA PRO A 192 15.82 30.38 -4.31
C PRO A 192 14.49 30.22 -5.03
N GLY A 193 13.43 30.78 -4.45
CA GLY A 193 12.12 30.72 -5.07
C GLY A 193 11.30 29.49 -4.70
N GLU A 194 11.96 28.51 -4.09
CA GLU A 194 11.29 27.27 -3.72
C GLU A 194 10.58 27.39 -2.37
N PRO A 195 9.50 26.61 -2.18
CA PRO A 195 8.86 26.57 -0.87
C PRO A 195 9.85 26.07 0.18
N LYS A 196 9.71 26.50 1.41
CA LYS A 196 10.68 26.15 2.44
C LYS A 196 10.10 26.29 3.83
N TRP A 197 10.73 25.62 4.79
CA TRP A 197 10.35 25.72 6.20
C TRP A 197 11.58 26.10 7.01
N ASP A 198 11.37 26.86 8.08
CA ASP A 198 12.47 27.25 8.96
C ASP A 198 12.86 26.11 9.88
N SER A 199 14.14 26.06 10.23
CA SER A 199 14.65 25.03 11.14
C SER A 199 15.93 25.53 11.79
N PRO A 200 16.43 24.82 12.81
CA PRO A 200 17.67 25.24 13.46
C PRO A 200 18.89 25.15 12.52
N TRP A 201 18.69 24.59 11.33
CA TRP A 201 19.82 24.35 10.43
C TRP A 201 19.68 25.10 9.11
N GLY A 202 18.74 26.04 9.07
CA GLY A 202 18.54 26.85 7.88
C GLY A 202 17.23 26.54 7.18
N GLU A 203 16.81 27.45 6.31
CA GLU A 203 15.57 27.28 5.57
C GLU A 203 15.72 26.19 4.52
N GLY A 204 14.83 25.20 4.58
CA GLY A 204 14.87 24.10 3.64
C GLY A 204 13.69 23.15 3.76
N ARG A 205 13.91 21.91 3.35
CA ARG A 205 12.85 20.91 3.35
C ARG A 205 13.36 19.56 3.83
N PRO A 206 12.46 18.77 4.44
CA PRO A 206 12.82 17.43 4.89
C PRO A 206 13.09 16.52 3.69
N GLY A 207 13.94 15.51 3.88
CA GLY A 207 14.10 14.48 2.89
C GLY A 207 12.85 13.62 2.88
N TRP A 208 12.74 12.77 1.86
CA TRP A 208 11.55 11.94 1.68
C TRP A 208 11.33 10.98 2.85
N HIS A 209 12.38 10.25 3.22
CA HIS A 209 12.26 9.17 4.20
C HIS A 209 11.91 9.64 5.61
N ILE A 210 12.51 10.75 6.03
CA ILE A 210 12.31 11.25 7.39
C ILE A 210 10.85 11.67 7.58
N GLU A 211 10.19 11.98 6.48
CA GLU A 211 8.77 12.32 6.52
C GLU A 211 7.92 11.15 7.04
N CYS A 212 8.15 9.96 6.48
CA CYS A 212 7.37 8.79 6.87
C CYS A 212 7.79 8.24 8.25
N SER A 213 9.07 8.35 8.59
CA SER A 213 9.53 7.98 9.92
C SER A 213 8.82 8.80 11.00
N ALA A 214 8.71 10.10 10.75
CA ALA A 214 8.13 11.02 11.71
C ALA A 214 6.62 10.90 11.79
N MSE A 215 5.96 10.84 10.63
CA MSE A 215 4.51 10.75 10.58
C MSE A 215 3.99 9.44 11.19
O MSE A 215 3.05 9.46 11.98
CB MSE A 215 3.99 10.92 9.15
CG MSE A 215 4.07 12.36 8.61
SE MSE A 215 3.26 12.61 7.02
CE MSE A 215 4.29 11.61 5.94
N SER A 216 4.60 8.33 10.82
CA SER A 216 4.12 7.02 11.27
C SER A 216 4.25 6.80 12.78
N SER A 217 5.40 7.14 13.34
CA SER A 217 5.63 6.95 14.77
C SER A 217 4.86 7.97 15.60
N SER A 218 4.77 9.20 15.10
CA SER A 218 4.01 10.24 15.77
C SER A 218 2.55 9.83 15.96
N ILE A 219 1.97 9.22 14.93
CA ILE A 219 0.55 8.88 14.96
C ILE A 219 0.26 7.54 15.65
N LEU A 220 1.10 6.54 15.38
CA LEU A 220 0.81 5.18 15.81
C LEU A 220 1.61 4.77 17.05
N GLY A 221 2.55 5.61 17.45
CA GLY A 221 3.47 5.21 18.51
C GLY A 221 4.49 4.26 17.92
N GLN A 222 5.56 4.00 18.67
CA GLN A 222 6.65 3.17 18.18
C GLN A 222 7.10 2.20 19.25
N PRO A 223 7.22 0.90 18.89
CA PRO A 223 6.98 0.38 17.54
C PRO A 223 5.50 0.19 17.23
N PHE A 224 5.17 -0.03 15.96
CA PHE A 224 3.83 -0.48 15.58
C PHE A 224 3.87 -1.79 14.79
N ASP A 225 2.69 -2.33 14.49
CA ASP A 225 2.57 -3.70 14.01
C ASP A 225 3.05 -3.92 12.57
N ILE A 226 2.47 -3.17 11.64
CA ILE A 226 2.69 -3.43 10.23
C ILE A 226 2.98 -2.17 9.43
N HIS A 227 3.99 -2.26 8.57
CA HIS A 227 4.35 -1.19 7.65
C HIS A 227 4.32 -1.77 6.24
N GLY A 228 3.66 -1.08 5.33
CA GLY A 228 3.48 -1.60 3.98
C GLY A 228 3.86 -0.62 2.90
N GLY A 229 3.84 -1.10 1.66
CA GLY A 229 4.15 -0.29 0.50
C GLY A 229 4.49 -1.17 -0.69
N GLY A 230 4.77 -0.54 -1.83
CA GLY A 230 5.21 -1.28 -3.00
C GLY A 230 6.60 -1.83 -2.76
N LEU A 231 6.92 -2.94 -3.40
CA LEU A 231 8.22 -3.58 -3.21
C LEU A 231 9.38 -2.65 -3.54
N ASP A 232 9.13 -1.67 -4.41
CA ASP A 232 10.20 -0.75 -4.82
C ASP A 232 10.54 0.25 -3.71
N LEU A 233 9.69 0.33 -2.69
CA LEU A 233 9.95 1.22 -1.57
C LEU A 233 10.85 0.55 -0.53
N LYS A 234 11.02 -0.76 -0.65
CA LYS A 234 11.82 -1.52 0.31
C LYS A 234 13.20 -0.91 0.48
N PHE A 235 13.87 -0.63 -0.63
CA PHE A 235 15.14 0.10 -0.59
C PHE A 235 15.17 1.15 -1.70
N PRO A 236 15.69 2.35 -1.38
CA PRO A 236 16.25 2.72 -0.08
C PRO A 236 15.21 3.21 0.94
N HIS A 237 13.97 3.41 0.51
CA HIS A 237 12.99 4.12 1.32
C HIS A 237 12.71 3.52 2.70
N HIS A 238 12.21 2.29 2.72
CA HIS A 238 11.89 1.63 3.97
C HIS A 238 13.15 1.35 4.79
N GLU A 239 14.22 0.98 4.10
CA GLU A 239 15.50 0.75 4.75
C GLU A 239 15.94 1.99 5.54
N ASN A 240 15.76 3.16 4.93
CA ASN A 240 16.15 4.42 5.54
C ASN A 240 15.22 4.83 6.68
N GLU A 241 13.94 4.49 6.54
CA GLU A 241 12.98 4.73 7.62
C GLU A 241 13.39 4.00 8.89
N ILE A 242 13.77 2.73 8.75
CA ILE A 242 14.19 1.91 9.87
C ILE A 242 15.39 2.54 10.58
N ALA A 243 16.41 2.90 9.81
CA ALA A 243 17.63 3.51 10.34
C ALA A 243 17.31 4.78 11.10
N GLN A 244 16.49 5.64 10.52
CA GLN A 244 16.12 6.91 11.14
C GLN A 244 15.38 6.69 12.45
N SER A 245 14.41 5.78 12.44
CA SER A 245 13.49 5.63 13.56
C SER A 245 14.09 4.87 14.74
N GLU A 246 14.93 3.88 14.46
CA GLU A 246 15.55 3.08 15.52
C GLU A 246 16.77 3.79 16.10
N ALA A 247 17.52 4.47 15.26
CA ALA A 247 18.63 5.29 15.74
C ALA A 247 18.10 6.51 16.47
N GLY A 248 16.98 7.06 15.98
CA GLY A 248 16.41 8.29 16.50
C GLY A 248 15.60 8.14 17.77
N GLU A 249 14.83 7.07 17.86
CA GLU A 249 13.98 6.84 19.03
C GLU A 249 14.55 5.75 19.93
N GLU A 250 15.57 5.05 19.44
CA GLU A 250 16.27 4.03 20.20
C GLU A 250 15.37 2.88 20.66
N LYS A 251 14.37 2.56 19.86
CA LYS A 251 13.51 1.41 20.09
C LYS A 251 13.05 0.82 18.76
N PRO A 252 12.58 -0.44 18.77
CA PRO A 252 12.16 -1.08 17.51
C PRO A 252 11.17 -0.21 16.74
N PHE A 253 11.27 -0.23 15.42
CA PHE A 253 10.43 0.59 14.57
C PHE A 253 9.13 -0.13 14.23
N VAL A 254 9.26 -1.24 13.50
CA VAL A 254 8.12 -1.94 12.94
C VAL A 254 8.27 -3.44 13.11
N LYS A 255 7.23 -4.09 13.61
CA LYS A 255 7.27 -5.52 13.84
C LYS A 255 7.25 -6.32 12.54
N LEU A 256 6.36 -5.95 11.61
CA LEU A 256 6.25 -6.71 10.37
C LEU A 256 6.16 -5.84 9.13
N TRP A 257 6.92 -6.22 8.10
CA TRP A 257 6.94 -5.48 6.84
C TRP A 257 6.26 -6.24 5.71
N MSE A 258 5.30 -5.58 5.05
CA MSE A 258 4.60 -6.17 3.90
C MSE A 258 4.91 -5.36 2.65
O MSE A 258 4.82 -4.14 2.65
CB MSE A 258 3.08 -6.16 4.13
CG MSE A 258 2.59 -6.98 5.33
SE MSE A 258 0.77 -6.97 5.46
CE MSE A 258 0.35 -7.90 3.98
N HIS A 259 5.30 -6.05 1.57
CA HIS A 259 5.53 -5.38 0.30
C HIS A 259 4.68 -5.96 -0.84
N ALA A 260 3.96 -5.09 -1.52
CA ALA A 260 3.13 -5.48 -2.66
C ALA A 260 3.98 -5.67 -3.91
N GLY A 261 3.75 -6.79 -4.59
CA GLY A 261 4.51 -7.14 -5.79
C GLY A 261 4.45 -6.10 -6.89
N LEU A 262 5.37 -6.21 -7.84
CA LEU A 262 5.46 -5.28 -8.95
C LEU A 262 4.41 -5.56 -10.02
N LEU A 263 4.08 -4.53 -10.80
CA LEU A 263 3.15 -4.68 -11.90
C LEU A 263 3.85 -4.36 -13.22
N GLU A 264 3.90 -5.35 -14.11
CA GLU A 264 4.45 -5.15 -15.45
C GLU A 264 3.33 -4.79 -16.42
N ILE A 265 3.72 -4.19 -17.54
CA ILE A 265 2.78 -3.91 -18.62
C ILE A 265 3.22 -4.65 -19.87
N ASN A 266 2.42 -5.61 -20.29
CA ASN A 266 2.82 -6.51 -21.36
C ASN A 266 4.24 -7.03 -21.13
N LYS A 267 4.46 -7.60 -19.95
CA LYS A 267 5.72 -8.24 -19.59
C LYS A 267 6.93 -7.30 -19.51
N GLU A 268 6.68 -6.01 -19.69
CA GLU A 268 7.75 -5.03 -19.61
C GLU A 268 7.62 -4.17 -18.35
N LYS A 269 8.75 -3.75 -17.81
CA LYS A 269 8.74 -2.90 -16.62
C LYS A 269 8.00 -1.60 -16.91
N MSE A 270 7.11 -1.20 -16.00
CA MSE A 270 6.49 0.11 -16.08
C MSE A 270 7.58 1.15 -15.91
O MSE A 270 8.28 1.18 -14.90
CB MSE A 270 5.43 0.29 -15.00
CG MSE A 270 4.13 -0.42 -15.28
SE MSE A 270 2.76 0.08 -13.98
CE MSE A 270 2.52 1.96 -14.46
N SER A 271 7.73 2.01 -16.92
CA SER A 271 8.86 2.93 -16.94
C SER A 271 8.49 4.25 -17.61
N LYS A 272 8.89 5.35 -16.97
CA LYS A 272 8.68 6.67 -17.53
C LYS A 272 9.49 6.81 -18.82
N SER A 273 10.68 6.22 -18.83
CA SER A 273 11.56 6.30 -20.00
C SER A 273 11.00 5.53 -21.20
N LEU A 274 10.21 4.49 -20.95
CA LEU A 274 9.58 3.72 -22.02
C LEU A 274 8.27 4.35 -22.47
N GLY A 275 7.71 5.21 -21.63
CA GLY A 275 6.47 5.89 -21.95
C GLY A 275 5.27 4.97 -21.92
N ASN A 276 5.35 3.90 -21.12
CA ASN A 276 4.28 2.91 -21.07
C ASN A 276 3.42 2.98 -19.81
N ILE A 277 3.60 4.04 -19.03
CA ILE A 277 2.83 4.19 -17.80
C ILE A 277 1.34 4.33 -18.12
N ILE A 278 0.52 3.58 -17.40
CA ILE A 278 -0.94 3.67 -17.54
C ILE A 278 -1.59 4.14 -16.25
N SER A 279 -2.25 5.29 -16.31
CA SER A 279 -2.90 5.85 -15.13
C SER A 279 -4.12 5.01 -14.77
N ILE A 280 -4.55 5.12 -13.52
CA ILE A 280 -5.73 4.40 -13.05
C ILE A 280 -6.98 4.83 -13.82
N ARG A 281 -7.07 6.13 -14.12
CA ARG A 281 -8.21 6.66 -14.86
C ARG A 281 -8.30 6.08 -16.26
N GLU A 282 -7.15 5.89 -16.90
CA GLU A 282 -7.11 5.28 -18.23
C GLU A 282 -7.53 3.83 -18.16
N ALA A 283 -7.11 3.13 -17.12
CA ALA A 283 -7.45 1.72 -16.94
C ALA A 283 -8.94 1.55 -16.68
N LEU A 284 -9.54 2.49 -15.95
CA LEU A 284 -10.96 2.41 -15.62
C LEU A 284 -11.87 2.81 -16.79
N LYS A 285 -11.29 3.39 -17.83
CA LYS A 285 -12.04 3.64 -19.06
C LYS A 285 -12.15 2.35 -19.86
N GLU A 286 -11.13 1.49 -19.72
CA GLU A 286 -11.07 0.24 -20.46
C GLU A 286 -11.77 -0.91 -19.74
N SER A 287 -11.67 -0.93 -18.42
CA SER A 287 -12.24 -2.01 -17.63
C SER A 287 -13.11 -1.51 -16.48
N ASP A 288 -14.04 -2.35 -16.03
CA ASP A 288 -14.82 -2.06 -14.84
C ASP A 288 -13.93 -2.28 -13.63
N VAL A 289 -14.23 -1.58 -12.54
CA VAL A 289 -13.40 -1.66 -11.34
C VAL A 289 -13.30 -3.10 -10.82
N GLU A 290 -14.41 -3.83 -10.89
CA GLU A 290 -14.41 -5.21 -10.41
C GLU A 290 -13.57 -6.11 -11.30
N VAL A 291 -13.53 -5.80 -12.60
CA VAL A 291 -12.67 -6.53 -13.51
C VAL A 291 -11.20 -6.24 -13.19
N LEU A 292 -10.90 -4.98 -12.89
CA LEU A 292 -9.56 -4.57 -12.48
C LEU A 292 -9.13 -5.27 -11.21
N ARG A 293 -10.02 -5.24 -10.22
CA ARG A 293 -9.75 -5.87 -8.93
C ARG A 293 -9.52 -7.37 -9.07
N TYR A 294 -10.32 -8.03 -9.91
CA TYR A 294 -10.15 -9.46 -10.12
C TYR A 294 -8.74 -9.73 -10.64
N PHE A 295 -8.33 -8.97 -11.65
CA PHE A 295 -6.99 -9.13 -12.20
C PHE A 295 -5.90 -8.84 -11.17
N LEU A 296 -6.09 -7.78 -10.40
CA LEU A 296 -5.06 -7.33 -9.45
C LEU A 296 -4.90 -8.25 -8.24
N LEU A 297 -5.95 -8.97 -7.88
CA LEU A 297 -5.94 -9.77 -6.65
C LEU A 297 -5.92 -11.28 -6.84
N SER A 298 -6.15 -11.75 -8.06
CA SER A 298 -6.24 -13.20 -8.30
C SER A 298 -4.88 -13.91 -8.14
N GLY A 299 -3.80 -13.21 -8.44
CA GLY A 299 -2.47 -13.74 -8.21
C GLY A 299 -1.99 -13.38 -6.82
N HIS A 300 -0.97 -14.08 -6.32
CA HIS A 300 -0.46 -13.79 -4.99
C HIS A 300 0.14 -12.38 -4.96
N TYR A 301 -0.20 -11.63 -3.92
CA TYR A 301 0.13 -10.20 -3.85
C TYR A 301 1.63 -9.93 -3.93
N ARG A 302 2.46 -10.90 -3.55
CA ARG A 302 3.90 -10.70 -3.53
C ARG A 302 4.56 -10.98 -4.87
N ASN A 303 3.83 -11.66 -5.75
CA ASN A 303 4.37 -12.02 -7.07
C ASN A 303 4.13 -10.94 -8.13
N PRO A 304 5.06 -10.84 -9.09
CA PRO A 304 4.86 -9.89 -10.19
C PRO A 304 3.64 -10.26 -11.02
N LEU A 305 3.03 -9.25 -11.63
CA LEU A 305 1.79 -9.44 -12.37
C LEU A 305 1.94 -8.63 -13.66
N SER A 306 1.33 -9.12 -14.74
CA SER A 306 1.46 -8.44 -16.03
C SER A 306 0.13 -7.91 -16.57
N TYR A 307 0.00 -6.59 -16.60
CA TYR A 307 -1.20 -5.94 -17.13
C TYR A 307 -1.26 -6.08 -18.64
N SER A 308 -2.37 -6.64 -19.13
CA SER A 308 -2.56 -6.82 -20.58
C SER A 308 -4.02 -7.05 -20.91
N LYS A 309 -4.38 -6.79 -22.16
CA LYS A 309 -5.75 -6.98 -22.62
C LYS A 309 -6.24 -8.40 -22.38
N GLU A 310 -5.36 -9.37 -22.59
CA GLU A 310 -5.74 -10.77 -22.44
C GLU A 310 -6.06 -11.11 -20.99
N ASN A 311 -5.17 -10.69 -20.08
CA ASN A 311 -5.37 -10.99 -18.66
C ASN A 311 -6.60 -10.29 -18.08
N LEU A 312 -6.90 -9.10 -18.57
CA LEU A 312 -8.10 -8.39 -18.14
C LEU A 312 -9.35 -9.12 -18.64
N GLU A 313 -9.36 -9.47 -19.93
CA GLU A 313 -10.47 -10.19 -20.53
C GLU A 313 -10.79 -11.47 -19.76
N ASN A 314 -9.74 -12.19 -19.38
CA ASN A 314 -9.91 -13.43 -18.60
C ASN A 314 -10.66 -13.21 -17.29
N GLY A 315 -10.32 -12.13 -16.60
CA GLY A 315 -11.00 -11.81 -15.36
C GLY A 315 -12.42 -11.35 -15.59
N ARG A 316 -12.66 -10.77 -16.76
CA ARG A 316 -14.00 -10.29 -17.14
C ARG A 316 -14.94 -11.47 -17.37
N LEU A 317 -14.41 -12.53 -17.99
CA LEU A 317 -15.20 -13.72 -18.26
C LEU A 317 -15.39 -14.54 -16.99
N ALA A 318 -14.39 -14.51 -16.11
CA ALA A 318 -14.51 -15.14 -14.81
C ALA A 318 -15.67 -14.49 -14.04
N LEU A 319 -15.71 -13.16 -14.04
CA LEU A 319 -16.76 -12.42 -13.37
C LEU A 319 -18.13 -12.68 -14.00
N GLU A 320 -18.17 -12.71 -15.32
CA GLU A 320 -19.41 -13.02 -16.03
C GLU A 320 -19.98 -14.31 -15.47
N ARG A 321 -19.13 -15.31 -15.33
CA ARG A 321 -19.50 -16.59 -14.77
C ARG A 321 -20.07 -16.43 -13.35
N PHE A 322 -19.43 -15.58 -12.56
CA PHE A 322 -19.91 -15.26 -11.21
C PHE A 322 -21.34 -14.74 -11.25
N TYR A 323 -21.55 -13.66 -11.98
CA TYR A 323 -22.83 -12.98 -11.98
C TYR A 323 -23.97 -13.78 -12.61
N LEU A 324 -23.63 -14.67 -13.54
CA LEU A 324 -24.64 -15.57 -14.10
C LEU A 324 -25.23 -16.45 -13.02
N ALA A 325 -24.37 -17.00 -12.16
CA ALA A 325 -24.80 -17.86 -11.06
C ALA A 325 -25.66 -17.10 -10.05
N LEU A 326 -25.42 -15.80 -9.91
CA LEU A 326 -26.17 -14.98 -8.97
C LEU A 326 -27.45 -14.40 -9.59
N ARG A 327 -27.47 -14.31 -10.92
CA ARG A 327 -28.50 -13.58 -11.64
C ARG A 327 -29.87 -13.51 -10.97
N GLY A 328 -30.66 -14.57 -11.11
CA GLY A 328 -32.06 -14.51 -10.73
C GLY A 328 -32.39 -14.82 -9.28
N LEU A 329 -31.39 -15.13 -8.47
CA LEU A 329 -31.63 -15.60 -7.10
C LEU A 329 -32.22 -14.54 -6.18
N PRO A 330 -33.03 -15.00 -5.20
CA PRO A 330 -33.53 -14.16 -4.10
C PRO A 330 -32.38 -13.67 -3.24
N VAL A 331 -32.55 -12.53 -2.59
CA VAL A 331 -31.49 -11.95 -1.77
C VAL A 331 -31.88 -11.87 -0.30
N SER A 338 -21.57 -21.42 6.97
CA SER A 338 -21.15 -22.60 6.22
C SER A 338 -19.65 -22.85 6.35
N SER A 339 -19.23 -24.07 6.02
CA SER A 339 -17.82 -24.44 6.11
C SER A 339 -16.96 -23.71 5.08
N TYR A 340 -17.59 -23.11 4.09
CA TYR A 340 -16.87 -22.32 3.09
C TYR A 340 -16.14 -21.14 3.74
N THR A 341 -16.83 -20.48 4.66
CA THR A 341 -16.22 -19.40 5.43
C THR A 341 -14.93 -19.88 6.09
N ASP A 342 -15.02 -21.00 6.80
CA ASP A 342 -13.87 -21.57 7.49
C ASP A 342 -12.70 -21.86 6.55
N ARG A 343 -13.00 -22.44 5.39
CA ARG A 343 -11.98 -22.77 4.42
C ARG A 343 -11.43 -21.50 3.77
N PHE A 344 -12.24 -20.46 3.74
CA PHE A 344 -11.80 -19.17 3.22
C PHE A 344 -10.75 -18.56 4.15
N TYR A 345 -11.00 -18.63 5.45
CA TYR A 345 -10.05 -18.16 6.45
C TYR A 345 -8.74 -18.89 6.31
N GLU A 346 -8.82 -20.21 6.11
CA GLU A 346 -7.65 -21.07 6.01
C GLU A 346 -6.78 -20.71 4.80
N ALA A 347 -7.41 -20.15 3.77
CA ALA A 347 -6.69 -19.70 2.58
C ALA A 347 -6.05 -18.34 2.83
N MSE A 348 -6.83 -17.43 3.40
CA MSE A 348 -6.35 -16.08 3.66
C MSE A 348 -5.35 -16.06 4.81
O MSE A 348 -4.46 -15.22 4.85
CB MSE A 348 -7.53 -15.15 3.94
CG MSE A 348 -8.45 -14.96 2.74
SE MSE A 348 -7.56 -14.09 1.23
CE MSE A 348 -7.64 -12.25 1.85
N ASP A 349 -5.49 -17.00 5.75
CA ASP A 349 -4.57 -17.09 6.88
C ASP A 349 -3.18 -17.51 6.45
N ASP A 350 -3.08 -18.15 5.29
CA ASP A 350 -1.80 -18.53 4.72
C ASP A 350 -1.24 -17.40 3.86
N ASP A 351 -0.88 -16.29 4.50
CA ASP A 351 -0.31 -15.14 3.81
C ASP A 351 -1.18 -14.62 2.66
N PHE A 352 -2.48 -14.51 2.91
CA PHE A 352 -3.41 -13.99 1.92
C PHE A 352 -3.29 -14.73 0.60
N ASN A 353 -3.42 -16.05 0.67
CA ASN A 353 -3.29 -16.91 -0.50
C ASN A 353 -4.52 -16.80 -1.40
N THR A 354 -4.61 -15.71 -2.16
CA THR A 354 -5.78 -15.47 -2.99
C THR A 354 -6.02 -16.52 -4.08
N PRO A 355 -4.94 -17.08 -4.65
CA PRO A 355 -5.14 -18.19 -5.59
C PRO A 355 -5.98 -19.31 -5.00
N ILE A 356 -5.70 -19.73 -3.78
CA ILE A 356 -6.49 -20.77 -3.13
C ILE A 356 -7.89 -20.25 -2.77
N ALA A 357 -7.96 -18.97 -2.41
CA ALA A 357 -9.23 -18.35 -2.04
C ALA A 357 -10.16 -18.17 -3.23
N PHE A 358 -9.61 -17.73 -4.37
CA PHE A 358 -10.39 -17.56 -5.58
C PHE A 358 -10.92 -18.89 -6.09
N ALA A 359 -10.06 -19.89 -6.11
CA ALA A 359 -10.46 -21.25 -6.50
C ALA A 359 -11.56 -21.77 -5.59
N LEU A 360 -11.59 -21.28 -4.36
CA LEU A 360 -12.63 -21.67 -3.41
C LEU A 360 -13.95 -20.99 -3.76
N LEU A 361 -13.87 -19.76 -4.23
CA LEU A 361 -15.07 -19.03 -4.65
C LEU A 361 -15.68 -19.66 -5.89
N PHE A 362 -14.82 -20.20 -6.75
CA PHE A 362 -15.29 -20.88 -7.95
C PHE A 362 -15.91 -22.23 -7.61
N GLU A 363 -15.38 -22.89 -6.59
CA GLU A 363 -15.99 -24.11 -6.08
C GLU A 363 -17.41 -23.80 -5.62
N MSE A 364 -17.57 -22.64 -4.98
CA MSE A 364 -18.88 -22.21 -4.51
C MSE A 364 -19.82 -21.93 -5.68
O MSE A 364 -21.01 -22.20 -5.60
CB MSE A 364 -18.76 -20.97 -3.62
CG MSE A 364 -18.06 -21.23 -2.30
SE MSE A 364 -17.72 -19.60 -1.26
CE MSE A 364 -19.49 -19.33 -0.49
N VAL A 365 -19.28 -21.38 -6.77
CA VAL A 365 -20.07 -21.13 -7.97
C VAL A 365 -20.56 -22.44 -8.57
N ARG A 366 -19.68 -23.44 -8.64
CA ARG A 366 -20.06 -24.74 -9.17
C ARG A 366 -21.22 -25.33 -8.39
N GLU A 367 -21.16 -25.25 -7.06
CA GLU A 367 -22.24 -25.80 -6.24
C GLU A 367 -23.51 -24.96 -6.37
N ILE A 368 -23.36 -23.65 -6.47
CA ILE A 368 -24.50 -22.77 -6.72
C ILE A 368 -25.24 -23.20 -8.00
N ASN A 369 -24.50 -23.35 -9.09
CA ASN A 369 -25.09 -23.80 -10.35
C ASN A 369 -25.75 -25.17 -10.22
N ARG A 370 -25.18 -26.02 -9.37
CA ARG A 370 -25.74 -27.34 -9.13
C ARG A 370 -27.13 -27.21 -8.51
N PHE A 371 -27.22 -26.43 -7.42
CA PHE A 371 -28.49 -26.20 -6.75
C PHE A 371 -29.53 -25.58 -7.69
N ARG A 372 -29.09 -24.65 -8.53
CA ARG A 372 -29.99 -23.98 -9.45
C ARG A 372 -30.56 -24.95 -10.49
N ASP A 373 -29.67 -25.71 -11.13
CA ASP A 373 -30.09 -26.66 -12.17
C ASP A 373 -31.00 -27.73 -11.59
N ASN A 374 -30.76 -28.10 -10.33
CA ASN A 374 -31.57 -29.10 -9.67
C ASN A 374 -32.78 -28.47 -8.98
N ASN A 375 -33.04 -27.20 -9.31
CA ASN A 375 -34.20 -26.47 -8.81
C ASN A 375 -34.27 -26.35 -7.28
N GLN A 376 -33.12 -26.47 -6.63
CA GLN A 376 -33.03 -26.21 -5.19
C GLN A 376 -32.64 -24.75 -4.99
N ILE A 377 -33.62 -23.87 -5.11
CA ILE A 377 -33.36 -22.44 -5.17
C ILE A 377 -33.03 -21.81 -3.81
N GLU A 378 -33.64 -22.33 -2.74
CA GLU A 378 -33.32 -21.87 -1.39
C GLU A 378 -31.83 -22.05 -1.10
N LYS A 379 -31.33 -23.25 -1.33
CA LYS A 379 -29.94 -23.57 -1.04
C LYS A 379 -28.99 -22.75 -1.91
N ALA A 380 -29.39 -22.50 -3.15
CA ALA A 380 -28.60 -21.67 -4.04
C ALA A 380 -28.51 -20.24 -3.52
N ALA A 381 -29.65 -19.71 -3.08
CA ALA A 381 -29.71 -18.35 -2.58
C ALA A 381 -28.86 -18.15 -1.32
N VAL A 382 -28.95 -19.10 -0.39
CA VAL A 382 -28.17 -19.03 0.85
C VAL A 382 -26.68 -19.11 0.55
N LEU A 383 -26.30 -19.98 -0.38
CA LEU A 383 -24.90 -20.13 -0.76
C LEU A 383 -24.38 -18.87 -1.44
N ALA A 384 -25.26 -18.21 -2.20
CA ALA A 384 -24.91 -16.98 -2.90
C ALA A 384 -24.64 -15.86 -1.89
N ALA A 385 -25.46 -15.80 -0.85
CA ALA A 385 -25.30 -14.80 0.19
C ALA A 385 -23.89 -14.87 0.80
N GLU A 386 -23.46 -16.09 1.11
CA GLU A 386 -22.13 -16.30 1.69
C GLU A 386 -21.04 -15.94 0.69
N LEU A 387 -21.22 -16.35 -0.56
CA LEU A 387 -20.24 -16.07 -1.60
C LEU A 387 -20.05 -14.56 -1.80
N LYS A 388 -21.15 -13.82 -1.78
CA LYS A 388 -21.11 -12.38 -1.96
C LYS A 388 -20.41 -11.70 -0.78
N CYS A 389 -20.55 -12.29 0.40
CA CYS A 389 -19.93 -11.77 1.61
C CYS A 389 -18.41 -11.91 1.55
N LEU A 390 -17.94 -13.09 1.15
CA LEU A 390 -16.52 -13.36 1.07
C LEU A 390 -15.88 -12.56 -0.07
N GLY A 391 -16.62 -12.41 -1.16
CA GLY A 391 -16.14 -11.67 -2.32
C GLY A 391 -15.98 -10.20 -2.03
N ASN A 392 -16.72 -9.70 -1.04
CA ASN A 392 -16.66 -8.29 -0.65
C ASN A 392 -15.26 -7.88 -0.22
N ILE A 393 -14.52 -8.83 0.34
CA ILE A 393 -13.16 -8.58 0.80
C ILE A 393 -12.24 -8.22 -0.38
N PHE A 394 -12.60 -8.69 -1.57
CA PHE A 394 -11.84 -8.40 -2.77
C PHE A 394 -12.50 -7.27 -3.54
N GLY A 395 -13.58 -6.73 -2.99
CA GLY A 395 -14.37 -5.72 -3.67
C GLY A 395 -15.05 -6.25 -4.92
N LEU A 396 -15.46 -7.50 -4.87
CA LEU A 396 -16.12 -8.15 -6.00
C LEU A 396 -17.53 -8.61 -5.65
N LEU A 397 -18.33 -8.88 -6.68
CA LEU A 397 -19.66 -9.46 -6.53
C LEU A 397 -20.63 -8.56 -5.78
N GLN A 398 -20.51 -7.25 -5.99
CA GLN A 398 -21.36 -6.30 -5.28
C GLN A 398 -22.39 -5.65 -6.21
N TYR A 399 -22.21 -5.82 -7.51
CA TYR A 399 -23.19 -5.34 -8.48
C TYR A 399 -24.50 -6.12 -8.37
N SER A 400 -25.58 -5.52 -8.86
CA SER A 400 -26.77 -6.31 -9.14
C SER A 400 -26.44 -7.09 -10.40
N PRO A 401 -26.61 -8.41 -10.36
CA PRO A 401 -26.23 -9.27 -11.49
C PRO A 401 -26.78 -8.78 -12.82
N GLU A 402 -28.00 -8.26 -12.81
CA GLU A 402 -28.64 -7.80 -14.04
C GLU A 402 -27.93 -6.59 -14.63
N GLN A 403 -27.53 -5.66 -13.75
CA GLN A 403 -26.80 -4.47 -14.17
C GLN A 403 -25.52 -4.86 -14.90
N PHE A 404 -24.73 -5.72 -14.28
CA PHE A 404 -23.44 -6.14 -14.82
C PHE A 404 -23.58 -6.83 -16.17
N LEU A 405 -24.58 -7.69 -16.30
CA LEU A 405 -24.77 -8.46 -17.54
C LEU A 405 -25.47 -7.63 -18.62
ZN ZN B . 6.84 6.39 2.69
#